data_2R2T
#
_entry.id   2R2T
#
_cell.length_a   54.641
_cell.length_b   145.801
_cell.length_c   46.881
_cell.angle_alpha   90.000
_cell.angle_beta   90.000
_cell.angle_gamma   90.000
#
_symmetry.space_group_name_H-M   'P 21 21 2'
#
loop_
_entity.id
_entity.type
_entity.pdbx_description
1 polymer "DNA (5'-D(*DAP*DTP*DTP*DTP*DAP*DGP*DTP*DT)-3')"
2 polymer "DNA (5'-D(P*DAP*DAP*DCP*DTP*DAP*DAP*DAP*DT)-3')"
3 polymer 'Reverse transcriptase'
4 water water
#
loop_
_entity_poly.entity_id
_entity_poly.type
_entity_poly.pdbx_seq_one_letter_code
_entity_poly.pdbx_strand_id
1 'polydeoxyribonucleotide' (DA)(DT)(DT)(DT)(DA)(DG)(DT)(DT) B
2 'polydeoxyribonucleotide' (DA)(DA)(DC)(DT)(DA)(DA)(DA)(DT) G
3 'polypeptide(L)'
;TWLSDFPQAWAETGGMGLAVRQAPLIIPLKATSTPVSIKQYPMSQEARLGIKPHIQRLLDQGILVPCQSPWNTPLLPVKK
PGTNDYRPVQDLREVNKRVEDIHPTVPNPYNLLSGLPPSHQWYTVLDLKDAFFCLRLHPTSQPLFAFEWRDPEMGISGQL
TWTRLPQGFKNSPTLFDEALHRDLADFRIQHPDLILLQYVDDLLLAATSELDCQQGTRALLQTLGNLGYRASAKKAQICQ
KQVKYLGYLLKEGQR
;
A
#
# COMPACT_ATOMS: atom_id res chain seq x y z
N THR C 1 9.99 -24.38 5.07
CA THR C 1 10.13 -22.96 5.48
C THR C 1 9.85 -22.05 4.29
N TRP C 2 8.70 -21.37 4.33
CA TRP C 2 8.32 -20.47 3.25
C TRP C 2 9.19 -19.22 3.22
N LEU C 3 9.53 -18.71 4.39
CA LEU C 3 10.35 -17.52 4.48
C LEU C 3 11.71 -17.70 3.81
N SER C 4 12.25 -18.91 3.88
CA SER C 4 13.54 -19.20 3.29
C SER C 4 13.49 -19.49 1.79
N ASP C 5 12.45 -20.17 1.33
CA ASP C 5 12.33 -20.50 -0.09
C ASP C 5 11.89 -19.34 -0.95
N PHE C 6 11.33 -18.29 -0.33
CA PHE C 6 10.86 -17.13 -1.07
C PHE C 6 11.35 -15.83 -0.42
N PRO C 7 12.67 -15.64 -0.35
CA PRO C 7 13.32 -14.46 0.23
C PRO C 7 12.80 -13.13 -0.32
N GLN C 8 12.62 -13.09 -1.64
CA GLN C 8 12.16 -11.90 -2.34
C GLN C 8 10.69 -11.54 -2.08
N ALA C 9 9.88 -12.53 -1.73
CA ALA C 9 8.46 -12.31 -1.51
C ALA C 9 8.08 -11.70 -0.15
N TRP C 10 8.98 -11.75 0.82
CA TRP C 10 8.66 -11.22 2.14
C TRP C 10 9.27 -9.87 2.46
N ALA C 11 8.50 -9.02 3.12
CA ALA C 11 8.96 -7.68 3.50
C ALA C 11 10.14 -7.81 4.45
N GLU C 12 10.16 -8.91 5.19
CA GLU C 12 11.23 -9.16 6.15
C GLU C 12 12.59 -9.40 5.50
N THR C 13 12.60 -10.08 4.36
CA THR C 13 13.86 -10.40 3.69
C THR C 13 13.98 -9.98 2.22
N GLY C 14 13.11 -9.09 1.75
CA GLY C 14 13.19 -8.68 0.36
C GLY C 14 13.40 -7.20 0.10
N GLY C 15 13.46 -6.39 1.15
CA GLY C 15 13.64 -4.97 0.98
C GLY C 15 12.36 -4.31 0.51
N MET C 16 12.32 -2.97 0.54
CA MET C 16 11.14 -2.22 0.12
C MET C 16 10.75 -2.66 -1.29
N GLY C 17 9.45 -2.72 -1.56
CA GLY C 17 8.99 -3.14 -2.87
C GLY C 17 8.94 -2.03 -3.89
N LEU C 18 8.65 -2.42 -5.13
CA LEU C 18 8.54 -1.49 -6.24
C LEU C 18 7.94 -2.33 -7.37
N ALA C 19 6.74 -1.95 -7.80
CA ALA C 19 6.05 -2.68 -8.87
C ALA C 19 6.68 -2.31 -10.21
N VAL C 20 7.69 -3.07 -10.60
CA VAL C 20 8.45 -2.81 -11.82
C VAL C 20 7.68 -2.84 -13.15
N ARG C 21 6.56 -3.54 -13.18
CA ARG C 21 5.75 -3.66 -14.40
C ARG C 21 4.76 -2.51 -14.54
N GLN C 22 4.54 -1.78 -13.46
CA GLN C 22 3.59 -0.69 -13.49
C GLN C 22 4.19 0.66 -13.86
N ALA C 23 3.65 1.27 -14.92
CA ALA C 23 4.13 2.58 -15.36
C ALA C 23 3.87 3.61 -14.25
N PRO C 24 4.78 4.58 -14.08
CA PRO C 24 4.58 5.62 -13.05
C PRO C 24 3.19 6.24 -13.23
N LEU C 25 2.47 6.41 -12.14
CA LEU C 25 1.11 6.94 -12.20
C LEU C 25 0.98 8.45 -12.41
N ILE C 26 0.10 8.82 -13.34
CA ILE C 26 -0.21 10.21 -13.66
C ILE C 26 -1.57 10.49 -13.03
N ILE C 27 -1.62 11.54 -12.20
CA ILE C 27 -2.84 11.91 -11.49
C ILE C 27 -3.51 13.13 -12.13
N PRO C 28 -4.60 12.91 -12.90
CA PRO C 28 -5.32 14.00 -13.55
C PRO C 28 -6.07 14.88 -12.57
N LEU C 29 -5.98 16.18 -12.78
CA LEU C 29 -6.66 17.17 -11.95
C LEU C 29 -8.01 17.50 -12.58
N LYS C 30 -8.90 18.05 -11.78
CA LYS C 30 -10.21 18.48 -12.27
C LYS C 30 -9.92 19.63 -13.24
N ALA C 31 -10.80 19.83 -14.21
CA ALA C 31 -10.65 20.86 -15.23
C ALA C 31 -10.30 22.27 -14.75
N THR C 32 -10.86 22.68 -13.62
CA THR C 32 -10.62 24.02 -13.11
C THR C 32 -9.60 24.15 -11.97
N SER C 33 -9.01 23.05 -11.54
CA SER C 33 -8.05 23.12 -10.44
C SER C 33 -6.80 23.97 -10.66
N THR C 34 -6.36 24.59 -9.57
CA THR C 34 -5.17 25.42 -9.52
C THR C 34 -4.45 24.97 -8.24
N PRO C 35 -3.11 25.07 -8.18
CA PRO C 35 -2.37 24.65 -6.99
C PRO C 35 -2.82 25.32 -5.69
N VAL C 36 -2.82 24.55 -4.62
CA VAL C 36 -3.19 25.10 -3.31
C VAL C 36 -1.96 24.94 -2.42
N SER C 37 -1.59 26.03 -1.73
CA SER C 37 -0.43 26.01 -0.84
C SER C 37 -0.82 26.41 0.57
N ILE C 38 -0.95 25.42 1.43
CA ILE C 38 -1.32 25.63 2.83
C ILE C 38 -0.05 25.57 3.68
N LYS C 39 0.22 26.66 4.39
CA LYS C 39 1.41 26.71 5.23
C LYS C 39 1.40 25.63 6.31
N GLN C 40 2.58 25.12 6.61
CA GLN C 40 2.75 24.09 7.62
C GLN C 40 2.42 24.66 9.00
N TYR C 41 1.56 23.98 9.75
CA TYR C 41 1.20 24.44 11.08
C TYR C 41 2.43 24.21 11.97
N PRO C 42 2.77 25.19 12.82
CA PRO C 42 3.92 25.06 13.71
C PRO C 42 3.86 23.72 14.45
N MET C 43 4.99 23.02 14.50
CA MET C 43 5.05 21.72 15.16
C MET C 43 5.97 21.80 16.38
N SER C 44 5.59 21.15 17.48
CA SER C 44 6.40 21.16 18.69
C SER C 44 7.66 20.36 18.43
N GLN C 45 8.68 20.59 19.26
CA GLN C 45 9.91 19.84 19.08
C GLN C 45 9.63 18.36 19.35
N GLU C 46 8.75 18.09 20.30
CA GLU C 46 8.41 16.70 20.64
C GLU C 46 7.90 15.95 19.41
N ALA C 47 6.90 16.53 18.76
CA ALA C 47 6.31 15.92 17.56
C ALA C 47 7.35 15.81 16.44
N ARG C 48 8.14 16.87 16.25
CA ARG C 48 9.15 16.88 15.21
C ARG C 48 10.18 15.76 15.42
N LEU C 49 10.67 15.63 16.64
CA LEU C 49 11.66 14.59 16.97
C LEU C 49 11.06 13.20 16.76
N GLY C 50 9.77 13.05 17.08
CA GLY C 50 9.13 11.76 16.91
C GLY C 50 8.99 11.40 15.45
N ILE C 51 8.72 12.41 14.63
CA ILE C 51 8.53 12.22 13.19
C ILE C 51 9.80 12.11 12.37
N LYS C 52 10.85 12.84 12.77
CA LYS C 52 12.11 12.86 12.04
C LYS C 52 12.66 11.53 11.51
N PRO C 53 12.79 10.51 12.38
CA PRO C 53 13.32 9.21 11.94
C PRO C 53 12.54 8.60 10.78
N HIS C 54 11.24 8.84 10.75
CA HIS C 54 10.40 8.32 9.67
C HIS C 54 10.71 9.05 8.38
N ILE C 55 10.81 10.37 8.45
CA ILE C 55 11.12 11.17 7.27
C ILE C 55 12.50 10.77 6.71
N GLN C 56 13.47 10.59 7.60
CA GLN C 56 14.81 10.23 7.20
C GLN C 56 14.81 8.87 6.49
N ARG C 57 14.09 7.90 7.04
CA ARG C 57 14.03 6.58 6.44
C ARG C 57 13.46 6.65 5.02
N LEU C 58 12.39 7.42 4.86
CA LEU C 58 11.76 7.56 3.54
C LEU C 58 12.67 8.27 2.55
N LEU C 59 13.45 9.23 3.03
CA LEU C 59 14.39 9.95 2.16
C LEU C 59 15.51 8.98 1.77
N ASP C 60 15.96 8.16 2.71
CA ASP C 60 17.02 7.19 2.43
C ASP C 60 16.50 6.17 1.44
N GLN C 61 15.21 5.86 1.52
CA GLN C 61 14.60 4.89 0.62
C GLN C 61 14.22 5.48 -0.74
N GLY C 62 14.40 6.79 -0.91
CA GLY C 62 14.05 7.43 -2.17
C GLY C 62 12.54 7.61 -2.35
N ILE C 63 11.79 7.33 -1.29
CA ILE C 63 10.34 7.46 -1.34
C ILE C 63 9.96 8.93 -1.19
N LEU C 64 10.80 9.69 -0.48
CA LEU C 64 10.60 11.13 -0.34
C LEU C 64 11.83 11.77 -1.00
N VAL C 65 11.63 12.87 -1.69
CA VAL C 65 12.71 13.59 -2.34
C VAL C 65 12.49 15.08 -2.18
N PRO C 66 13.57 15.87 -2.18
CA PRO C 66 13.39 17.32 -2.04
C PRO C 66 12.70 17.85 -3.29
N CYS C 67 12.04 18.99 -3.16
CA CYS C 67 11.36 19.58 -4.30
C CYS C 67 10.97 21.01 -4.01
N GLN C 68 10.51 21.69 -5.05
CA GLN C 68 10.05 23.07 -4.95
C GLN C 68 8.72 22.99 -5.70
N SER C 69 7.62 23.19 -4.99
CA SER C 69 6.31 23.07 -5.60
C SER C 69 5.31 24.13 -5.18
N PRO C 70 4.38 24.49 -6.09
CA PRO C 70 3.35 25.49 -5.83
C PRO C 70 2.26 24.87 -4.95
N TRP C 71 2.36 23.55 -4.78
CA TRP C 71 1.41 22.82 -3.94
C TRP C 71 2.06 22.60 -2.57
N ASN C 72 1.25 22.61 -1.53
CA ASN C 72 1.74 22.34 -0.20
C ASN C 72 0.59 22.05 0.74
N THR C 73 0.72 20.95 1.48
CA THR C 73 -0.28 20.57 2.45
C THR C 73 0.43 20.31 3.77
N PRO C 74 -0.29 20.50 4.88
CA PRO C 74 0.30 20.31 6.21
C PRO C 74 0.52 18.87 6.67
N LEU C 75 1.58 18.70 7.44
CA LEU C 75 1.94 17.41 8.01
C LEU C 75 1.35 17.45 9.42
N LEU C 76 0.66 16.38 9.82
CA LEU C 76 0.07 16.33 11.15
C LEU C 76 0.79 15.32 12.03
N PRO C 77 1.14 15.73 13.26
CA PRO C 77 1.84 14.83 14.19
C PRO C 77 0.76 13.97 14.86
N VAL C 78 0.68 12.71 14.48
CA VAL C 78 -0.33 11.81 15.07
C VAL C 78 0.30 10.66 15.84
N LYS C 79 -0.07 10.53 17.11
CA LYS C 79 0.45 9.45 17.92
C LYS C 79 -0.66 8.48 18.30
N LYS C 80 -0.48 7.22 17.92
CA LYS C 80 -1.45 6.18 18.20
C LYS C 80 -1.73 5.97 19.68
N PRO C 81 -0.68 5.76 20.49
CA PRO C 81 -0.86 5.55 21.93
C PRO C 81 -1.59 6.71 22.63
N GLY C 82 -1.63 6.64 23.96
CA GLY C 82 -2.28 7.69 24.73
C GLY C 82 -1.52 8.99 24.62
N THR C 83 -0.25 8.89 24.24
CA THR C 83 0.65 10.03 24.06
C THR C 83 2.10 9.53 24.00
N ASN C 84 2.35 8.57 23.11
CA ASN C 84 3.68 8.01 22.96
C ASN C 84 4.41 8.45 21.70
N ASP C 85 4.59 7.51 20.78
CA ASP C 85 5.29 7.76 19.53
C ASP C 85 4.46 8.47 18.46
N TYR C 86 5.07 9.46 17.82
CA TYR C 86 4.41 10.22 16.77
C TYR C 86 4.75 9.67 15.39
N ARG C 87 3.81 9.81 14.46
CA ARG C 87 4.03 9.38 13.08
C ARG C 87 3.40 10.43 12.17
N PRO C 88 4.05 10.72 11.04
CA PRO C 88 3.54 11.72 10.10
C PRO C 88 2.29 11.34 9.32
N VAL C 89 1.28 12.21 9.40
CA VAL C 89 0.03 12.01 8.68
C VAL C 89 -0.22 13.30 7.91
N GLN C 90 -0.16 13.23 6.59
CA GLN C 90 -0.37 14.40 5.76
C GLN C 90 -1.83 14.69 5.52
N ASP C 91 -2.23 15.95 5.67
CA ASP C 91 -3.61 16.34 5.43
C ASP C 91 -3.74 16.72 3.97
N LEU C 92 -4.07 15.72 3.14
CA LEU C 92 -4.23 15.90 1.70
C LEU C 92 -5.63 16.23 1.23
N ARG C 93 -6.50 16.61 2.17
CA ARG C 93 -7.88 16.91 1.79
C ARG C 93 -8.05 17.98 0.72
N GLU C 94 -7.27 19.07 0.77
CA GLU C 94 -7.41 20.11 -0.24
C GLU C 94 -6.85 19.68 -1.59
N VAL C 95 -5.95 18.70 -1.57
CA VAL C 95 -5.40 18.18 -2.82
C VAL C 95 -6.46 17.23 -3.39
N ASN C 96 -7.00 16.37 -2.53
CA ASN C 96 -8.04 15.42 -2.96
C ASN C 96 -9.19 16.10 -3.69
N LYS C 97 -9.60 17.28 -3.17
CA LYS C 97 -10.70 18.02 -3.77
C LYS C 97 -10.41 18.53 -5.17
N ARG C 98 -9.13 18.69 -5.50
CA ARG C 98 -8.77 19.19 -6.81
C ARG C 98 -8.41 18.10 -7.83
N VAL C 99 -8.37 16.86 -7.36
CA VAL C 99 -8.04 15.72 -8.22
C VAL C 99 -9.31 15.15 -8.83
N GLU C 100 -9.26 14.82 -10.12
CA GLU C 100 -10.43 14.27 -10.79
C GLU C 100 -10.82 12.92 -10.18
N ASP C 101 -12.11 12.73 -9.96
CA ASP C 101 -12.59 11.49 -9.37
C ASP C 101 -12.52 10.32 -10.34
N ILE C 102 -12.41 9.12 -9.78
CA ILE C 102 -12.37 7.91 -10.59
C ILE C 102 -13.44 6.95 -10.05
N HIS C 103 -13.89 6.01 -10.88
CA HIS C 103 -14.92 5.07 -10.45
C HIS C 103 -14.35 4.19 -9.32
N PRO C 104 -15.11 4.03 -8.22
CA PRO C 104 -14.65 3.21 -7.10
C PRO C 104 -14.79 1.75 -7.51
N THR C 105 -13.70 1.11 -7.91
CA THR C 105 -13.79 -0.28 -8.35
C THR C 105 -13.49 -1.34 -7.28
N VAL C 106 -13.07 -0.93 -6.10
CA VAL C 106 -12.79 -1.90 -5.06
C VAL C 106 -14.14 -2.37 -4.48
N PRO C 107 -14.43 -3.67 -4.55
CA PRO C 107 -15.70 -4.19 -4.02
C PRO C 107 -15.72 -4.16 -2.50
N ASN C 108 -16.91 -4.04 -1.90
CA ASN C 108 -16.95 -4.04 -0.44
C ASN C 108 -16.72 -5.49 -0.01
N PRO C 109 -16.06 -5.69 1.14
CA PRO C 109 -15.76 -7.03 1.65
C PRO C 109 -16.90 -8.06 1.56
N TYR C 110 -18.13 -7.64 1.89
CA TYR C 110 -19.25 -8.57 1.84
C TYR C 110 -19.41 -9.18 0.45
N ASN C 111 -19.45 -8.34 -0.58
CA ASN C 111 -19.60 -8.84 -1.95
C ASN C 111 -18.38 -9.65 -2.40
N LEU C 112 -17.20 -9.24 -1.96
CA LEU C 112 -15.99 -9.96 -2.34
C LEU C 112 -16.02 -11.38 -1.80
N LEU C 113 -16.39 -11.55 -0.53
CA LEU C 113 -16.44 -12.87 0.07
C LEU C 113 -17.50 -13.78 -0.54
N SER C 114 -18.51 -13.20 -1.17
CA SER C 114 -19.57 -14.00 -1.78
C SER C 114 -19.02 -14.86 -2.91
N GLY C 115 -17.82 -14.52 -3.38
CA GLY C 115 -17.22 -15.28 -4.46
C GLY C 115 -16.34 -16.41 -3.97
N LEU C 116 -16.49 -16.80 -2.71
CA LEU C 116 -15.71 -17.87 -2.13
C LEU C 116 -16.55 -19.15 -2.02
N PRO C 117 -16.34 -20.12 -2.92
CA PRO C 117 -17.08 -21.39 -2.96
C PRO C 117 -16.80 -22.31 -1.77
N PRO C 118 -17.76 -23.18 -1.43
CA PRO C 118 -17.61 -24.12 -0.31
C PRO C 118 -16.54 -25.17 -0.59
N SER C 119 -16.32 -25.44 -1.88
CA SER C 119 -15.33 -26.42 -2.33
C SER C 119 -13.90 -26.11 -1.91
N HIS C 120 -13.57 -24.82 -1.81
CA HIS C 120 -12.22 -24.42 -1.43
C HIS C 120 -12.14 -24.13 0.07
N GLN C 121 -11.76 -25.15 0.83
CA GLN C 121 -11.65 -25.06 2.28
C GLN C 121 -10.26 -24.67 2.79
N TRP C 122 -9.26 -24.80 1.94
CA TRP C 122 -7.90 -24.45 2.33
C TRP C 122 -7.59 -23.00 1.97
N TYR C 123 -7.42 -22.17 2.99
CA TYR C 123 -7.15 -20.76 2.79
C TYR C 123 -5.72 -20.33 3.09
N THR C 124 -5.32 -19.22 2.47
CA THR C 124 -4.01 -18.63 2.67
C THR C 124 -4.23 -17.12 2.61
N VAL C 125 -3.80 -16.42 3.65
CA VAL C 125 -3.98 -14.98 3.70
C VAL C 125 -2.65 -14.25 3.79
N LEU C 126 -2.49 -13.26 2.92
CA LEU C 126 -1.28 -12.45 2.88
C LEU C 126 -1.70 -10.99 2.80
N ASP C 127 -0.93 -10.11 3.42
CA ASP C 127 -1.21 -8.69 3.33
C ASP C 127 0.11 -8.08 2.87
N LEU C 128 0.04 -7.24 1.85
CA LEU C 128 1.24 -6.62 1.32
C LEU C 128 1.65 -5.43 2.18
N LYS C 129 2.94 -5.36 2.51
CA LYS C 129 3.47 -4.30 3.35
C LYS C 129 3.80 -3.05 2.52
N ASP C 130 3.43 -1.88 3.02
CA ASP C 130 3.68 -0.62 2.33
C ASP C 130 3.29 -0.74 0.85
N ALA C 131 2.08 -1.22 0.63
CA ALA C 131 1.55 -1.44 -0.72
C ALA C 131 1.58 -0.22 -1.63
N PHE C 132 1.01 0.89 -1.17
CA PHE C 132 0.98 2.09 -2.01
C PHE C 132 2.37 2.52 -2.44
N PHE C 133 3.31 2.47 -1.51
CA PHE C 133 4.69 2.86 -1.80
C PHE C 133 5.33 1.99 -2.88
N CYS C 134 4.72 0.86 -3.23
CA CYS C 134 5.29 0.02 -4.29
C CYS C 134 4.95 0.60 -5.66
N LEU C 135 3.98 1.50 -5.72
CA LEU C 135 3.59 2.10 -6.99
C LEU C 135 4.25 3.46 -7.21
N ARG C 136 5.02 3.58 -8.27
CA ARG C 136 5.68 4.83 -8.60
C ARG C 136 4.71 5.91 -9.05
N LEU C 137 5.05 7.16 -8.75
CA LEU C 137 4.26 8.31 -9.15
C LEU C 137 5.05 8.97 -10.28
N HIS C 138 4.36 9.36 -11.34
CA HIS C 138 5.04 10.01 -12.46
C HIS C 138 5.61 11.33 -11.97
N PRO C 139 6.81 11.72 -12.45
CA PRO C 139 7.44 12.98 -12.06
C PRO C 139 6.51 14.19 -12.20
N THR C 140 5.62 14.15 -13.20
CA THR C 140 4.69 15.26 -13.40
C THR C 140 3.64 15.38 -12.29
N SER C 141 3.31 14.28 -11.63
CA SER C 141 2.31 14.30 -10.57
C SER C 141 2.89 14.43 -9.16
N GLN C 142 4.18 14.20 -9.02
CA GLN C 142 4.84 14.27 -7.72
C GLN C 142 4.68 15.60 -6.97
N PRO C 143 4.82 16.75 -7.65
CA PRO C 143 4.68 18.07 -7.01
C PRO C 143 3.35 18.28 -6.26
N LEU C 144 2.33 17.57 -6.69
CA LEU C 144 1.00 17.67 -6.10
C LEU C 144 0.97 17.36 -4.60
N PHE C 145 1.82 16.44 -4.15
CA PHE C 145 1.81 15.99 -2.76
C PHE C 145 2.90 16.52 -1.84
N ALA C 146 3.44 17.68 -2.19
CA ALA C 146 4.50 18.31 -1.42
C ALA C 146 4.06 18.84 -0.06
N PHE C 147 4.99 18.80 0.90
CA PHE C 147 4.76 19.31 2.24
C PHE C 147 6.08 19.92 2.70
N GLU C 148 6.03 20.72 3.76
CA GLU C 148 7.23 21.38 4.26
C GLU C 148 7.93 20.60 5.37
N TRP C 149 9.26 20.59 5.31
CA TRP C 149 10.05 19.92 6.34
C TRP C 149 11.27 20.77 6.67
N ARG C 150 11.33 21.24 7.91
CA ARG C 150 12.46 22.08 8.33
C ARG C 150 13.03 21.65 9.67
N ASP C 151 14.26 21.15 9.64
CA ASP C 151 14.95 20.72 10.85
C ASP C 151 15.65 21.94 11.46
N PRO C 152 15.14 22.44 12.59
CA PRO C 152 15.70 23.61 13.27
C PRO C 152 17.23 23.70 13.18
N GLU C 153 17.90 22.56 13.25
CA GLU C 153 19.35 22.51 13.15
C GLU C 153 19.74 21.74 11.90
N MET C 154 19.87 22.46 10.79
CA MET C 154 20.22 21.88 9.50
C MET C 154 19.00 21.23 8.88
N GLY C 155 18.06 22.06 8.43
CA GLY C 155 16.84 21.55 7.81
C GLY C 155 16.95 21.47 6.30
N ILE C 156 16.24 20.50 5.72
CA ILE C 156 16.25 20.30 4.28
C ILE C 156 15.85 21.59 3.57
N SER C 157 16.18 21.69 2.29
CA SER C 157 15.85 22.86 1.47
C SER C 157 14.58 23.54 1.99
N GLY C 158 13.47 22.82 1.88
CA GLY C 158 12.19 23.35 2.34
C GLY C 158 11.11 22.30 2.22
N GLN C 159 10.70 22.02 1.00
CA GLN C 159 9.65 21.03 0.74
C GLN C 159 10.18 19.67 0.33
N LEU C 160 9.37 18.66 0.60
CA LEU C 160 9.67 17.30 0.24
C LEU C 160 8.40 16.79 -0.43
N THR C 161 8.51 15.79 -1.29
CA THR C 161 7.32 15.20 -1.87
C THR C 161 7.54 13.71 -2.09
N TRP C 162 6.48 13.01 -2.46
CA TRP C 162 6.52 11.57 -2.67
C TRP C 162 6.82 11.16 -4.10
N THR C 163 7.55 10.05 -4.25
CA THR C 163 7.87 9.51 -5.58
C THR C 163 7.02 8.25 -5.79
N ARG C 164 6.21 7.95 -4.78
CA ARG C 164 5.33 6.78 -4.80
C ARG C 164 3.93 7.24 -4.37
N LEU C 165 2.94 6.42 -4.71
CA LEU C 165 1.54 6.69 -4.35
C LEU C 165 1.48 6.91 -2.84
N PRO C 166 1.03 8.10 -2.40
CA PRO C 166 0.95 8.41 -0.97
C PRO C 166 -0.29 8.01 -0.19
N GLN C 167 -0.10 7.94 1.13
CA GLN C 167 -1.17 7.65 2.06
C GLN C 167 -1.96 8.95 2.15
N GLY C 168 -3.26 8.86 2.42
CA GLY C 168 -4.05 10.06 2.54
C GLY C 168 -4.63 10.58 1.24
N PHE C 169 -4.20 10.04 0.10
CA PHE C 169 -4.71 10.43 -1.22
C PHE C 169 -5.96 9.60 -1.49
N LYS C 170 -7.06 10.28 -1.81
CA LYS C 170 -8.35 9.60 -2.02
C LYS C 170 -8.39 8.46 -3.03
N ASN C 171 -7.52 8.50 -4.05
CA ASN C 171 -7.53 7.44 -5.06
C ASN C 171 -6.50 6.33 -4.87
N SER C 172 -5.70 6.38 -3.80
CA SER C 172 -4.69 5.34 -3.61
C SER C 172 -5.22 3.91 -3.50
N PRO C 173 -6.23 3.66 -2.64
CA PRO C 173 -6.74 2.29 -2.53
C PRO C 173 -7.22 1.73 -3.87
N THR C 174 -8.00 2.52 -4.59
CA THR C 174 -8.52 2.10 -5.89
C THR C 174 -7.42 1.89 -6.94
N LEU C 175 -6.49 2.82 -7.05
CA LEU C 175 -5.40 2.69 -8.02
C LEU C 175 -4.48 1.51 -7.68
N PHE C 176 -4.26 1.25 -6.41
CA PHE C 176 -3.41 0.12 -6.06
C PHE C 176 -4.11 -1.20 -6.41
N ASP C 177 -5.39 -1.29 -6.06
CA ASP C 177 -6.21 -2.47 -6.32
C ASP C 177 -6.24 -2.77 -7.82
N GLU C 178 -6.39 -1.74 -8.65
CA GLU C 178 -6.43 -1.96 -10.09
C GLU C 178 -5.06 -2.36 -10.63
N ALA C 179 -3.98 -1.80 -10.09
CA ALA C 179 -2.62 -2.14 -10.54
C ALA C 179 -2.26 -3.57 -10.20
N LEU C 180 -2.61 -4.02 -8.99
CA LEU C 180 -2.33 -5.39 -8.58
C LEU C 180 -3.14 -6.35 -9.42
N HIS C 181 -4.39 -5.99 -9.71
CA HIS C 181 -5.22 -6.87 -10.54
C HIS C 181 -4.57 -7.06 -11.90
N ARG C 182 -4.00 -5.99 -12.46
CA ARG C 182 -3.34 -6.10 -13.75
C ARG C 182 -2.13 -7.03 -13.62
N ASP C 183 -1.38 -6.89 -12.54
CA ASP C 183 -0.19 -7.71 -12.34
C ASP C 183 -0.47 -9.18 -12.02
N LEU C 184 -1.63 -9.48 -11.44
CA LEU C 184 -1.95 -10.86 -11.10
C LEU C 184 -2.93 -11.52 -12.08
N ALA C 185 -3.25 -10.83 -13.15
CA ALA C 185 -4.16 -11.36 -14.16
C ALA C 185 -3.61 -12.68 -14.71
N ASP C 186 -2.34 -12.70 -15.10
CA ASP C 186 -1.73 -13.92 -15.62
C ASP C 186 -1.76 -15.06 -14.62
N PHE C 187 -1.46 -14.76 -13.36
CA PHE C 187 -1.47 -15.78 -12.33
C PHE C 187 -2.84 -16.45 -12.25
N ARG C 188 -3.91 -15.65 -12.36
CA ARG C 188 -5.26 -16.20 -12.31
C ARG C 188 -5.48 -17.14 -13.51
N ILE C 189 -4.97 -16.76 -14.67
CA ILE C 189 -5.12 -17.56 -15.87
C ILE C 189 -4.32 -18.86 -15.81
N GLN C 190 -3.19 -18.84 -15.10
CA GLN C 190 -2.36 -20.03 -14.97
C GLN C 190 -2.82 -20.96 -13.85
N HIS C 191 -3.75 -20.47 -13.04
CA HIS C 191 -4.28 -21.26 -11.93
C HIS C 191 -5.81 -21.18 -11.89
N PRO C 192 -6.46 -21.76 -12.91
CA PRO C 192 -7.92 -21.78 -13.05
C PRO C 192 -8.66 -22.34 -11.84
N ASP C 193 -8.06 -23.36 -11.21
CA ASP C 193 -8.67 -24.01 -10.05
C ASP C 193 -8.61 -23.21 -8.75
N LEU C 194 -7.65 -22.29 -8.65
CA LEU C 194 -7.51 -21.48 -7.45
C LEU C 194 -8.46 -20.29 -7.40
N ILE C 195 -8.83 -19.89 -6.18
CA ILE C 195 -9.70 -18.74 -5.98
C ILE C 195 -8.86 -17.67 -5.30
N LEU C 196 -8.73 -16.52 -5.95
CA LEU C 196 -7.96 -15.43 -5.39
C LEU C 196 -8.82 -14.18 -5.20
N LEU C 197 -8.93 -13.74 -3.97
CA LEU C 197 -9.70 -12.54 -3.63
C LEU C 197 -8.72 -11.42 -3.29
N GLN C 198 -8.95 -10.25 -3.86
CA GLN C 198 -8.09 -9.09 -3.61
C GLN C 198 -8.88 -7.93 -3.04
N TYR C 199 -8.42 -7.39 -1.92
CA TYR C 199 -9.06 -6.23 -1.32
C TYR C 199 -7.89 -5.28 -1.04
N VAL C 200 -7.53 -4.50 -2.07
CA VAL C 200 -6.41 -3.58 -1.99
C VAL C 200 -5.15 -4.38 -1.67
N ASP C 201 -4.63 -4.28 -0.44
CA ASP C 201 -3.43 -5.02 -0.09
C ASP C 201 -3.66 -6.32 0.70
N ASP C 202 -4.93 -6.73 0.83
CA ASP C 202 -5.25 -7.96 1.56
C ASP C 202 -5.65 -9.06 0.59
N LEU C 203 -4.85 -10.11 0.53
CA LEU C 203 -5.10 -11.22 -0.38
C LEU C 203 -5.53 -12.52 0.29
N LEU C 204 -6.48 -13.21 -0.34
CA LEU C 204 -6.96 -14.49 0.15
C LEU C 204 -6.90 -15.48 -1.02
N LEU C 205 -6.12 -16.55 -0.83
CA LEU C 205 -6.00 -17.58 -1.85
C LEU C 205 -6.72 -18.80 -1.28
N ALA C 206 -7.63 -19.38 -2.06
CA ALA C 206 -8.38 -20.53 -1.62
C ALA C 206 -8.20 -21.72 -2.57
N ALA C 207 -7.98 -22.89 -1.99
CA ALA C 207 -7.78 -24.11 -2.77
C ALA C 207 -8.67 -25.23 -2.23
N THR C 208 -8.75 -26.32 -2.97
CA THR C 208 -9.58 -27.44 -2.54
C THR C 208 -8.81 -28.37 -1.61
N SER C 209 -7.53 -28.60 -1.92
CA SER C 209 -6.70 -29.48 -1.11
C SER C 209 -5.49 -28.76 -0.53
N GLU C 210 -5.02 -29.23 0.62
CA GLU C 210 -3.86 -28.63 1.27
C GLU C 210 -2.71 -28.56 0.27
N LEU C 211 -2.61 -29.57 -0.59
CA LEU C 211 -1.57 -29.61 -1.61
C LEU C 211 -1.72 -28.46 -2.58
N ASP C 212 -2.92 -28.30 -3.14
CA ASP C 212 -3.18 -27.23 -4.08
C ASP C 212 -2.87 -25.87 -3.45
N CYS C 213 -3.31 -25.69 -2.20
CA CYS C 213 -3.08 -24.45 -1.48
C CYS C 213 -1.58 -24.25 -1.27
N GLN C 214 -0.86 -25.34 -1.06
CA GLN C 214 0.58 -25.29 -0.85
C GLN C 214 1.30 -24.84 -2.11
N GLN C 215 1.08 -25.58 -3.21
CA GLN C 215 1.71 -25.25 -4.48
C GLN C 215 1.23 -23.90 -4.99
N GLY C 216 -0.04 -23.60 -4.74
CA GLY C 216 -0.58 -22.32 -5.18
C GLY C 216 0.08 -21.17 -4.45
N THR C 217 0.28 -21.33 -3.15
CA THR C 217 0.89 -20.29 -2.34
C THR C 217 2.34 -20.07 -2.76
N ARG C 218 3.04 -21.16 -3.07
CA ARG C 218 4.43 -21.06 -3.51
C ARG C 218 4.46 -20.22 -4.78
N ALA C 219 3.52 -20.50 -5.68
CA ALA C 219 3.42 -19.80 -6.95
C ALA C 219 3.04 -18.32 -6.78
N LEU C 220 2.15 -18.04 -5.84
CA LEU C 220 1.72 -16.66 -5.61
C LEU C 220 2.84 -15.84 -4.99
N LEU C 221 3.54 -16.41 -4.02
CA LEU C 221 4.65 -15.71 -3.38
C LEU C 221 5.73 -15.46 -4.42
N GLN C 222 6.01 -16.47 -5.24
CA GLN C 222 7.03 -16.34 -6.27
C GLN C 222 6.66 -15.21 -7.23
N THR C 223 5.38 -15.17 -7.61
CA THR C 223 4.88 -14.15 -8.53
C THR C 223 4.93 -12.76 -7.89
N LEU C 224 4.44 -12.63 -6.67
CA LEU C 224 4.45 -11.33 -5.99
C LEU C 224 5.86 -10.79 -5.86
N GLY C 225 6.78 -11.67 -5.47
CA GLY C 225 8.17 -11.26 -5.32
C GLY C 225 8.78 -10.74 -6.60
N ASN C 226 8.55 -11.46 -7.70
CA ASN C 226 9.10 -11.09 -9.00
C ASN C 226 8.52 -9.77 -9.50
N LEU C 227 7.25 -9.51 -9.19
CA LEU C 227 6.59 -8.29 -9.62
C LEU C 227 7.06 -7.08 -8.82
N GLY C 228 7.59 -7.32 -7.61
CA GLY C 228 8.07 -6.22 -6.79
C GLY C 228 7.24 -5.88 -5.57
N TYR C 229 6.28 -6.74 -5.24
CA TYR C 229 5.44 -6.52 -4.07
C TYR C 229 6.06 -7.30 -2.91
N ARG C 230 5.66 -6.97 -1.68
CA ARG C 230 6.21 -7.65 -0.51
C ARG C 230 5.11 -7.96 0.51
N ALA C 231 5.03 -9.23 0.90
CA ALA C 231 4.04 -9.67 1.87
C ALA C 231 4.64 -9.74 3.27
N SER C 232 3.80 -9.59 4.29
CA SER C 232 4.26 -9.65 5.67
C SER C 232 4.39 -11.09 6.14
N ALA C 233 5.61 -11.51 6.44
CA ALA C 233 5.84 -12.87 6.92
C ALA C 233 5.25 -13.03 8.31
N LYS C 234 5.37 -11.98 9.11
CA LYS C 234 4.86 -11.97 10.47
C LYS C 234 3.36 -12.28 10.54
N LYS C 235 2.58 -11.60 9.69
CA LYS C 235 1.14 -11.78 9.68
C LYS C 235 0.61 -12.87 8.76
N ALA C 236 1.48 -13.46 7.96
CA ALA C 236 1.08 -14.50 7.01
C ALA C 236 0.41 -15.73 7.63
N GLN C 237 -0.73 -16.12 7.05
CA GLN C 237 -1.48 -17.29 7.47
C GLN C 237 -1.41 -18.23 6.26
N ILE C 238 -0.61 -19.28 6.37
CA ILE C 238 -0.43 -20.20 5.24
C ILE C 238 -1.13 -21.56 5.32
N CYS C 239 -1.85 -21.87 4.25
CA CYS C 239 -2.57 -23.14 4.13
C CYS C 239 -3.28 -23.59 5.40
N GLN C 240 -4.13 -22.72 5.93
CA GLN C 240 -4.86 -23.01 7.15
C GLN C 240 -6.29 -23.41 6.81
N LYS C 241 -6.94 -24.11 7.75
CA LYS C 241 -8.31 -24.53 7.58
C LYS C 241 -9.19 -23.38 8.06
N GLN C 242 -8.59 -22.54 8.89
CA GLN C 242 -9.26 -21.38 9.46
C GLN C 242 -8.33 -20.18 9.39
N VAL C 243 -8.84 -19.05 8.92
CA VAL C 243 -8.03 -17.83 8.83
C VAL C 243 -8.87 -16.59 9.04
N LYS C 244 -8.21 -15.50 9.39
CA LYS C 244 -8.87 -14.23 9.59
C LYS C 244 -8.63 -13.38 8.34
N TYR C 245 -9.71 -13.02 7.66
CA TYR C 245 -9.61 -12.22 6.45
C TYR C 245 -10.65 -11.11 6.46
N LEU C 246 -10.19 -9.88 6.26
CA LEU C 246 -11.06 -8.72 6.21
C LEU C 246 -12.02 -8.63 7.40
N GLY C 247 -11.51 -8.93 8.59
CA GLY C 247 -12.34 -8.86 9.78
C GLY C 247 -13.20 -10.09 10.01
N TYR C 248 -13.23 -10.99 9.05
CA TYR C 248 -14.01 -12.21 9.18
C TYR C 248 -13.16 -13.40 9.61
N LEU C 249 -13.83 -14.41 10.14
CA LEU C 249 -13.15 -15.63 10.54
C LEU C 249 -13.69 -16.73 9.65
N LEU C 250 -12.93 -17.07 8.61
CA LEU C 250 -13.34 -18.11 7.67
C LEU C 250 -13.01 -19.48 8.24
N LYS C 251 -14.06 -20.25 8.52
CA LYS C 251 -13.90 -21.59 9.07
C LYS C 251 -15.00 -22.52 8.55
N GLU C 252 -14.58 -23.63 7.94
CA GLU C 252 -15.53 -24.60 7.42
C GLU C 252 -16.39 -24.01 6.31
N GLY C 253 -16.00 -22.83 5.83
CA GLY C 253 -16.77 -22.20 4.78
C GLY C 253 -17.79 -21.22 5.33
N GLN C 254 -17.67 -20.90 6.61
CA GLN C 254 -18.60 -19.97 7.25
C GLN C 254 -18.07 -18.54 7.23
N ARG C 255 -19.00 -17.59 7.11
CA ARG C 255 -18.67 -16.18 7.05
C ARG C 255 -17.96 -15.82 5.75
#